data_3WHJ
#
_entry.id   3WHJ
#
_cell.length_a   64.59
_cell.length_b   64.59
_cell.length_c   149.76
_cell.angle_alpha   90.00
_cell.angle_beta   90.00
_cell.angle_gamma   120.00
#
_symmetry.space_group_name_H-M   'P 61 2 2'
#
loop_
_entity.id
_entity.type
_entity.pdbx_description
1 polymer 'Probable 26S proteasome regulatory subunit p27'
2 non-polymer 'SULFATE ION'
3 non-polymer 'CADMIUM ION'
4 water water
#
_entity_poly.entity_id   1
_entity_poly.type   'polypeptide(L)'
_entity_poly.pdbx_seq_one_letter_code
;GSMEEEELSKLLANVKIDPSLTSRISQIDSFKLSELMVLKTDIETQLEAYFSVLEQQGIGMDSALVTPDGYPRSDVDVLQ
VTMIRKNVNMLKNDLNHLLQRSHVLLNQHFDNMNVKSNQDAR
;
_entity_poly.pdbx_strand_id   A
#
loop_
_chem_comp.id
_chem_comp.type
_chem_comp.name
_chem_comp.formula
CD non-polymer 'CADMIUM ION' 'Cd 2'
SO4 non-polymer 'SULFATE ION' 'O4 S -2'
#
# COMPACT_ATOMS: atom_id res chain seq x y z
N MET A 3 -5.99 24.34 -22.84
CA MET A 3 -5.27 23.30 -23.65
C MET A 3 -5.24 21.95 -22.96
N GLU A 4 -5.51 20.93 -23.77
CA GLU A 4 -5.73 19.59 -23.29
C GLU A 4 -4.42 18.95 -22.81
N GLU A 5 -3.34 19.13 -23.56
CA GLU A 5 -2.04 18.59 -23.15
C GLU A 5 -1.51 19.18 -21.81
N GLU A 6 -1.67 20.49 -21.63
CA GLU A 6 -1.20 21.15 -20.40
C GLU A 6 -2.03 20.78 -19.16
N GLU A 7 -3.36 20.75 -19.30
CA GLU A 7 -4.24 20.27 -18.21
C GLU A 7 -3.83 18.84 -17.78
N LEU A 8 -3.44 18.01 -18.76
CA LEU A 8 -3.08 16.62 -18.50
C LEU A 8 -1.71 16.48 -17.82
N SER A 9 -0.75 17.31 -18.21
CA SER A 9 0.55 17.33 -17.52
C SER A 9 0.43 17.69 -16.04
N LYS A 10 -0.46 18.62 -15.70
CA LYS A 10 -0.68 19.00 -14.31
C LYS A 10 -1.34 17.86 -13.57
N LEU A 11 -2.34 17.28 -14.22
CA LEU A 11 -3.02 16.13 -13.66
C LEU A 11 -1.94 15.12 -13.28
N LEU A 12 -1.05 14.82 -14.22
CA LEU A 12 -0.17 13.68 -14.05
C LEU A 12 1.06 13.90 -13.19
N ALA A 13 1.72 15.05 -13.37
CA ALA A 13 2.94 15.37 -12.61
C ALA A 13 2.67 15.41 -11.11
N ASN A 14 1.39 15.57 -10.75
CA ASN A 14 0.92 15.52 -9.37
C ASN A 14 0.34 14.17 -8.93
N VAL A 15 0.23 13.23 -9.87
CA VAL A 15 -0.10 11.83 -9.59
C VAL A 15 1.21 11.11 -9.34
N LYS A 16 1.53 10.98 -8.05
CA LYS A 16 2.83 10.60 -7.60
C LYS A 16 2.72 9.84 -6.28
N ILE A 17 3.74 9.06 -5.99
CA ILE A 17 3.83 8.27 -4.76
C ILE A 17 5.08 8.76 -4.06
N ASP A 18 4.99 8.88 -2.73
CA ASP A 18 6.09 9.33 -1.91
C ASP A 18 7.32 8.50 -2.27
N PRO A 19 8.38 9.15 -2.80
CA PRO A 19 9.58 8.40 -3.13
C PRO A 19 10.22 7.65 -1.98
N SER A 20 10.16 8.21 -0.76
CA SER A 20 10.72 7.59 0.40
C SER A 20 10.03 6.25 0.65
N LEU A 21 8.71 6.24 0.55
CA LEU A 21 7.96 5.00 0.72
C LEU A 21 8.33 3.96 -0.35
N THR A 22 8.38 4.42 -1.59
CA THR A 22 8.73 3.54 -2.70
C THR A 22 10.14 2.92 -2.53
N SER A 23 11.08 3.73 -2.12
CA SER A 23 12.45 3.28 -1.84
C SER A 23 12.49 2.21 -0.76
N ARG A 24 11.75 2.44 0.31
CA ARG A 24 11.71 1.49 1.42
C ARG A 24 11.04 0.17 0.99
N ILE A 25 9.93 0.26 0.27
CA ILE A 25 9.27 -0.91 -0.25
C ILE A 25 10.23 -1.73 -1.13
N SER A 26 11.05 -1.03 -1.91
CA SER A 26 12.01 -1.74 -2.76
C SER A 26 13.02 -2.58 -1.98
N GLN A 27 13.19 -2.24 -0.70
CA GLN A 27 14.11 -2.90 0.18
C GLN A 27 13.52 -3.93 1.10
N ILE A 28 12.28 -4.33 0.82
CA ILE A 28 11.66 -5.39 1.61
C ILE A 28 12.57 -6.60 1.80
N ASP A 29 13.23 -7.05 0.72
CA ASP A 29 14.04 -8.24 0.79
C ASP A 29 15.44 -8.08 1.35
N SER A 30 15.80 -6.85 1.73
CA SER A 30 17.06 -6.61 2.41
C SER A 30 16.96 -6.05 3.83
N PHE A 31 15.78 -5.55 4.19
CA PHE A 31 15.56 -4.97 5.50
C PHE A 31 15.61 -6.01 6.63
N LYS A 32 16.02 -5.56 7.81
CA LYS A 32 15.88 -6.34 9.03
C LYS A 32 14.42 -6.29 9.47
N LEU A 33 14.02 -7.25 10.29
CA LEU A 33 12.65 -7.25 10.88
C LEU A 33 12.21 -5.93 11.49
N SER A 34 13.07 -5.28 12.24
CA SER A 34 12.65 -4.01 12.87
C SER A 34 12.28 -2.98 11.81
N GLU A 35 13.08 -2.91 10.75
CA GLU A 35 12.83 -1.98 9.66
C GLU A 35 11.55 -2.36 8.89
N LEU A 36 11.34 -3.65 8.70
CA LEU A 36 10.14 -4.13 8.05
C LEU A 36 8.89 -3.73 8.87
N MET A 37 8.97 -3.81 10.19
CA MET A 37 7.77 -3.52 11.01
C MET A 37 7.43 -2.03 11.10
N VAL A 38 8.45 -1.17 11.04
CA VAL A 38 8.25 0.26 10.91
C VAL A 38 7.62 0.58 9.54
N LEU A 39 8.16 -0.02 8.47
CA LEU A 39 7.55 0.14 7.15
C LEU A 39 6.08 -0.33 7.12
N LYS A 40 5.81 -1.45 7.78
CA LYS A 40 4.47 -2.02 7.87
C LYS A 40 3.51 -0.97 8.41
N THR A 41 3.91 -0.35 9.51
CA THR A 41 3.11 0.70 10.15
C THR A 41 2.89 1.87 9.22
N ASP A 42 3.94 2.27 8.50
CA ASP A 42 3.81 3.39 7.59
C ASP A 42 2.91 3.09 6.39
N ILE A 43 3.00 1.87 5.85
CA ILE A 43 2.07 1.44 4.80
C ILE A 43 0.64 1.44 5.36
N GLU A 44 0.45 0.92 6.56
CA GLU A 44 -0.87 0.94 7.21
C GLU A 44 -1.46 2.33 7.37
N THR A 45 -0.63 3.29 7.78
CA THR A 45 -1.05 4.70 7.88
C THR A 45 -1.51 5.24 6.53
N GLN A 46 -0.75 4.95 5.47
CA GLN A 46 -1.16 5.33 4.12
C GLN A 46 -2.50 4.68 3.72
N LEU A 47 -2.66 3.39 4.00
CA LEU A 47 -3.89 2.70 3.67
C LEU A 47 -5.06 3.34 4.40
N GLU A 48 -4.83 3.71 5.65
CA GLU A 48 -5.86 4.35 6.44
C GLU A 48 -6.36 5.64 5.78
N ALA A 49 -5.43 6.44 5.28
CA ALA A 49 -5.78 7.66 4.58
C ALA A 49 -6.62 7.39 3.34
N TYR A 50 -6.24 6.41 2.53
CA TYR A 50 -7.02 6.02 1.36
C TYR A 50 -8.42 5.52 1.74
N PHE A 51 -8.48 4.64 2.73
CA PHE A 51 -9.77 4.14 3.22
C PHE A 51 -10.72 5.27 3.66
N SER A 52 -10.19 6.28 4.31
CA SER A 52 -11.02 7.42 4.75
C SER A 52 -11.65 8.13 3.57
N VAL A 53 -10.89 8.33 2.48
CA VAL A 53 -11.44 8.94 1.28
C VAL A 53 -12.50 8.03 0.63
N LEU A 54 -12.27 6.71 0.60
CA LEU A 54 -13.27 5.80 0.03
C LEU A 54 -14.57 5.87 0.83
N GLU A 55 -14.44 6.00 2.16
CA GLU A 55 -15.60 6.18 3.04
C GLU A 55 -16.42 7.40 2.61
N GLN A 56 -15.73 8.51 2.31
CA GLN A 56 -16.43 9.73 1.88
C GLN A 56 -17.17 9.52 0.60
N GLN A 57 -16.64 8.61 -0.24
CA GLN A 57 -17.25 8.27 -1.51
C GLN A 57 -18.34 7.22 -1.36
N GLY A 58 -18.52 6.73 -0.12
CA GLY A 58 -19.59 5.80 0.19
C GLY A 58 -19.41 4.48 -0.54
N ILE A 59 -18.17 4.05 -0.72
CA ILE A 59 -17.91 2.88 -1.51
C ILE A 59 -16.82 2.08 -0.80
N GLY A 60 -16.90 0.77 -0.95
CA GLY A 60 -15.85 -0.14 -0.50
C GLY A 60 -14.98 -0.50 -1.69
N MET A 61 -14.22 -1.57 -1.54
CA MET A 61 -13.25 -1.97 -2.55
C MET A 61 -13.82 -2.77 -3.74
N ASP A 62 -15.02 -3.35 -3.59
CA ASP A 62 -15.56 -4.34 -4.56
C ASP A 62 -16.76 -3.91 -5.44
N SER A 63 -17.31 -2.74 -5.16
CA SER A 63 -18.63 -2.34 -5.64
C SER A 63 -18.71 -1.94 -7.12
N ALA A 64 -19.93 -1.91 -7.66
CA ALA A 64 -20.17 -1.33 -9.00
C ALA A 64 -19.87 0.17 -8.99
N TYR A 71 -26.86 6.50 -5.43
CA TYR A 71 -26.89 7.73 -6.24
C TYR A 71 -25.81 7.73 -7.33
N PRO A 72 -26.07 8.44 -8.46
CA PRO A 72 -25.17 8.58 -9.59
C PRO A 72 -23.84 9.22 -9.23
N ARG A 73 -22.76 8.51 -9.58
CA ARG A 73 -21.40 8.97 -9.48
C ARG A 73 -21.00 9.63 -10.81
N SER A 74 -20.42 10.79 -10.69
CA SER A 74 -20.02 11.53 -11.81
C SER A 74 -18.75 10.88 -12.37
N ASP A 75 -18.37 11.34 -13.54
CA ASP A 75 -17.10 10.86 -14.10
C ASP A 75 -15.88 11.08 -13.20
N VAL A 76 -15.80 12.26 -12.60
CA VAL A 76 -14.71 12.56 -11.73
C VAL A 76 -14.75 11.69 -10.49
N ASP A 77 -15.94 11.42 -9.93
CA ASP A 77 -16.01 10.48 -8.82
C ASP A 77 -15.42 9.12 -9.21
N VAL A 78 -15.82 8.63 -10.37
CA VAL A 78 -15.39 7.33 -10.87
C VAL A 78 -13.86 7.35 -11.02
N LEU A 79 -13.33 8.44 -11.56
CA LEU A 79 -11.86 8.51 -11.76
C LEU A 79 -11.13 8.50 -10.41
N GLN A 80 -11.66 9.26 -9.44
CA GLN A 80 -11.04 9.33 -8.12
C GLN A 80 -11.09 7.98 -7.41
N VAL A 81 -12.25 7.34 -7.44
CA VAL A 81 -12.40 6.03 -6.82
C VAL A 81 -11.50 5.00 -7.50
N THR A 82 -11.46 5.02 -8.83
CA THR A 82 -10.54 4.15 -9.59
C THR A 82 -9.07 4.30 -9.12
N MET A 83 -8.63 5.54 -8.98
CA MET A 83 -7.27 5.85 -8.50
C MET A 83 -7.06 5.35 -7.08
N ILE A 84 -7.98 5.70 -6.19
CA ILE A 84 -7.82 5.32 -4.79
C ILE A 84 -7.83 3.80 -4.66
N ARG A 85 -8.77 3.13 -5.34
CA ARG A 85 -8.81 1.67 -5.29
C ARG A 85 -7.51 1.03 -5.84
N LYS A 86 -6.96 1.59 -6.92
CA LYS A 86 -5.70 1.05 -7.43
C LYS A 86 -4.56 1.23 -6.46
N ASN A 87 -4.45 2.42 -5.86
CA ASN A 87 -3.46 2.72 -4.83
C ASN A 87 -3.56 1.74 -3.69
N VAL A 88 -4.78 1.52 -3.20
CA VAL A 88 -5.02 0.55 -2.12
C VAL A 88 -4.56 -0.84 -2.50
N ASN A 89 -4.93 -1.28 -3.69
CA ASN A 89 -4.55 -2.64 -4.09
C ASN A 89 -3.04 -2.79 -4.26
N MET A 90 -2.38 -1.77 -4.79
CA MET A 90 -0.94 -1.83 -4.90
C MET A 90 -0.28 -1.83 -3.52
N LEU A 91 -0.79 -1.00 -2.60
CA LEU A 91 -0.25 -0.97 -1.25
C LEU A 91 -0.49 -2.27 -0.49
N LYS A 92 -1.70 -2.83 -0.62
CA LYS A 92 -1.99 -4.11 -0.01
C LYS A 92 -1.07 -5.21 -0.54
N ASN A 93 -0.75 -5.17 -1.83
CA ASN A 93 0.22 -6.10 -2.42
C ASN A 93 1.61 -5.97 -1.75
N ASP A 94 2.06 -4.74 -1.57
CA ASP A 94 3.34 -4.48 -0.92
C ASP A 94 3.31 -4.86 0.55
N LEU A 95 2.18 -4.62 1.23
CA LEU A 95 2.07 -5.04 2.59
C LEU A 95 2.10 -6.56 2.72
N ASN A 96 1.38 -7.24 1.84
CA ASN A 96 1.43 -8.68 1.81
C ASN A 96 2.88 -9.20 1.63
N HIS A 97 3.57 -8.63 0.65
CA HIS A 97 4.99 -8.96 0.41
C HIS A 97 5.82 -8.80 1.69
N LEU A 98 5.67 -7.64 2.33
CA LEU A 98 6.37 -7.34 3.56
C LEU A 98 6.10 -8.40 4.62
N LEU A 99 4.82 -8.74 4.81
CA LEU A 99 4.45 -9.77 5.78
C LEU A 99 5.01 -11.16 5.43
N GLN A 100 5.02 -11.48 4.14
CA GLN A 100 5.53 -12.78 3.70
C GLN A 100 7.04 -12.87 3.95
N ARG A 101 7.74 -11.78 3.63
CA ARG A 101 9.19 -11.74 3.88
C ARG A 101 9.46 -11.80 5.39
N SER A 102 8.65 -11.07 6.16
CA SER A 102 8.77 -11.09 7.59
C SER A 102 8.58 -12.50 8.17
N HIS A 103 7.62 -13.26 7.63
CA HIS A 103 7.38 -14.64 8.05
C HIS A 103 8.59 -15.52 7.77
N VAL A 104 9.22 -15.34 6.60
CA VAL A 104 10.47 -16.03 6.33
C VAL A 104 11.54 -15.76 7.36
N LEU A 105 11.75 -14.49 7.68
CA LEU A 105 12.74 -14.12 8.66
C LEU A 105 12.40 -14.64 10.05
N LEU A 106 11.11 -14.59 10.43
CA LEU A 106 10.73 -15.10 11.71
C LEU A 106 11.06 -16.59 11.79
N ASN A 107 10.70 -17.30 10.74
CA ASN A 107 11.00 -18.72 10.70
C ASN A 107 12.50 -19.03 10.79
N GLN A 108 13.32 -18.19 10.18
CA GLN A 108 14.78 -18.33 10.29
C GLN A 108 15.21 -18.20 11.75
N HIS A 109 14.59 -17.26 12.46
CA HIS A 109 14.91 -17.05 13.87
C HIS A 109 14.55 -18.27 14.71
N PHE A 110 13.36 -18.85 14.48
CA PHE A 110 12.99 -20.09 15.17
C PHE A 110 14.00 -21.18 14.83
N ASP A 111 14.32 -21.33 13.56
CA ASP A 111 15.29 -22.34 13.13
C ASP A 111 16.63 -22.21 13.86
N ASN A 112 17.09 -20.98 14.01
CA ASN A 112 18.37 -20.67 14.66
C ASN A 112 18.40 -21.13 16.12
N MET A 113 17.23 -21.09 16.76
CA MET A 113 17.03 -21.51 18.17
C MET A 113 16.67 -22.98 18.32
N ASN A 114 16.57 -23.69 17.20
CA ASN A 114 16.08 -25.07 17.17
C ASN A 114 14.73 -25.21 17.85
N VAL A 115 13.87 -24.22 17.61
CA VAL A 115 12.49 -24.29 18.09
C VAL A 115 11.55 -24.15 16.89
N LYS A 116 10.30 -24.58 17.08
CA LYS A 116 9.24 -24.36 16.10
C LYS A 116 8.29 -23.31 16.65
N SER A 117 7.57 -22.61 15.78
CA SER A 117 6.47 -21.78 16.26
C SER A 117 5.46 -22.73 16.87
N ASN A 118 4.76 -22.24 17.90
CA ASN A 118 3.69 -23.00 18.55
C ASN A 118 2.69 -23.57 17.52
N GLN A 119 2.35 -22.74 16.53
CA GLN A 119 2.00 -23.11 15.13
C GLN A 119 0.68 -22.51 14.80
S SO4 B . 9.03 -13.00 0.02
O1 SO4 B . 10.37 -12.62 0.28
O2 SO4 B . 8.40 -12.71 -1.23
O3 SO4 B . 8.68 -14.39 0.54
O4 SO4 B . 8.24 -12.16 0.98
S SO4 C . 0.75 -2.36 14.58
O1 SO4 C . 2.23 -2.24 14.63
O2 SO4 C . 0.28 -1.40 13.56
O3 SO4 C . 0.36 -3.75 14.22
O4 SO4 C . 0.12 -1.92 15.85
CD CD D . 4.38 -2.02 -5.23
CD CD E . 10.45 -11.00 -1.35
CD CD F . 0.13 -3.50 11.81
CD CD G . -9.82 23.51 -19.76
CD CD H . 12.71 -23.30 8.41
#